data_6A8K
#
_entry.id   6A8K
#
_cell.length_a   36.054
_cell.length_b   47.586
_cell.length_c   134.517
_cell.angle_alpha   90.00
_cell.angle_beta   90.00
_cell.angle_gamma   90.00
#
_symmetry.space_group_name_H-M   'P 2 2 21'
#
loop_
_entity.id
_entity.type
_entity.pdbx_description
1 polymer 'Ice binding protein 1'
2 non-polymer GLYCEROL
3 water water
#
_entity_poly.entity_id   1
_entity_poly.type   'polypeptide(L)'
_entity_poly.pdbx_seq_one_letter_code
;STALPPSPPAVNLGTAEDFVILAKAGVTNVPGGAITGDIGVSPIAASAMTGFDLVMDSSNEFSTSTEITGKAYAPDYMSP
TGTKLTTAVSDMLTAYNDAAARPVTGGPFGNSLSGETYTNLGAGEIGGLTLTRGVYTYDINVSITSGKVTFHGGADDVFI
IKTSKSVLQAANTEVVLTGGAQAKNIFWSVAQEVNVGAGAHMEGILLVKTAVKFITGSSFVGRVLSATAVTLQSAAITAP
ATSAPTTRRGLRGLQVA
;
_entity_poly.pdbx_strand_id   A
#
# COMPACT_ATOMS: atom_id res chain seq x y z
N ALA A 3 12.47 16.59 20.08
CA ALA A 3 13.22 16.90 18.81
C ALA A 3 13.20 15.71 17.82
N LEU A 4 12.78 16.01 16.61
CA LEU A 4 12.63 14.92 15.64
C LEU A 4 13.93 14.49 15.03
N PRO A 5 14.04 13.26 14.59
CA PRO A 5 15.03 12.88 13.64
C PRO A 5 14.84 13.51 12.28
N PRO A 6 15.83 13.52 11.40
CA PRO A 6 15.60 14.05 10.07
C PRO A 6 14.52 13.16 9.33
N SER A 7 13.81 13.79 8.43
CA SER A 7 12.89 13.00 7.64
C SER A 7 13.66 12.07 6.72
N PRO A 8 13.34 10.82 6.66
CA PRO A 8 13.96 9.94 5.68
C PRO A 8 13.56 10.42 4.28
N PRO A 9 14.38 10.16 3.23
CA PRO A 9 13.92 10.36 1.87
C PRO A 9 12.69 9.56 1.53
N ALA A 10 11.75 10.03 0.77
CA ALA A 10 10.68 9.23 0.31
C ALA A 10 11.22 8.03 -0.54
N VAL A 11 10.47 6.98 -0.56
CA VAL A 11 10.79 5.81 -1.39
C VAL A 11 10.30 6.06 -2.78
N ASN A 12 11.18 6.16 -3.77
CA ASN A 12 10.81 6.28 -5.17
C ASN A 12 10.06 5.08 -5.67
N LEU A 13 8.88 5.26 -6.17
CA LEU A 13 8.11 4.19 -6.79
C LEU A 13 8.30 4.18 -8.27
N GLY A 14 8.95 5.14 -8.91
CA GLY A 14 9.02 5.16 -10.35
C GLY A 14 7.66 5.06 -10.98
N THR A 15 7.54 4.22 -12.02
CA THR A 15 6.28 4.09 -12.75
C THR A 15 5.27 3.25 -11.99
N ALA A 16 5.62 2.61 -10.93
CA ALA A 16 4.61 1.96 -10.08
C ALA A 16 3.68 2.98 -9.49
N GLU A 17 4.07 4.27 -9.37
CA GLU A 17 3.17 5.32 -8.91
C GLU A 17 2.01 5.53 -9.87
N ASP A 18 2.04 4.98 -11.10
CA ASP A 18 0.96 5.08 -12.05
C ASP A 18 -0.23 4.18 -11.70
N PHE A 19 -0.08 3.32 -10.71
CA PHE A 19 -1.14 2.36 -10.36
C PHE A 19 -1.62 2.52 -9.00
N VAL A 20 -2.88 2.23 -8.73
CA VAL A 20 -3.42 2.08 -7.40
C VAL A 20 -3.29 0.66 -6.89
N ILE A 21 -3.36 -0.31 -7.81
CA ILE A 21 -3.06 -1.70 -7.46
C ILE A 21 -2.19 -2.26 -8.53
N LEU A 22 -1.06 -2.82 -8.18
CA LEU A 22 -0.19 -3.55 -9.07
C LEU A 22 0.11 -4.81 -8.38
N ALA A 23 -0.19 -5.97 -9.04
CA ALA A 23 -0.06 -7.29 -8.37
C ALA A 23 0.53 -8.25 -9.38
N LYS A 24 1.55 -8.95 -9.00
CA LYS A 24 2.14 -9.99 -9.93
C LYS A 24 1.31 -11.22 -10.15
N ALA A 25 0.47 -11.58 -9.22
CA ALA A 25 -0.27 -12.85 -9.28
C ALA A 25 -1.75 -12.72 -9.21
N GLY A 26 -2.28 -11.53 -9.43
CA GLY A 26 -3.73 -11.40 -9.63
C GLY A 26 -4.39 -10.43 -8.65
N VAL A 27 -5.63 -10.06 -8.98
CA VAL A 27 -6.47 -9.27 -8.16
C VAL A 27 -7.86 -9.87 -8.13
N THR A 28 -8.38 -10.21 -6.96
CA THR A 28 -9.71 -10.81 -6.88
C THR A 28 -10.60 -9.86 -6.21
N ASN A 29 -11.78 -9.62 -6.73
CA ASN A 29 -12.69 -8.63 -6.22
C ASN A 29 -14.06 -9.23 -5.93
N VAL A 30 -14.64 -8.84 -4.85
CA VAL A 30 -16.09 -9.10 -4.53
C VAL A 30 -16.73 -7.79 -4.83
N PRO A 31 -17.74 -7.77 -5.72
CA PRO A 31 -18.40 -6.51 -6.02
C PRO A 31 -19.02 -5.80 -4.80
N GLY A 32 -19.20 -4.49 -4.53
CA GLY A 32 -19.29 -3.39 -5.21
C GLY A 32 -18.49 -2.62 -4.13
N GLY A 33 -17.23 -2.70 -4.28
CA GLY A 33 -16.46 -1.65 -3.70
C GLY A 33 -16.25 -0.63 -4.80
N ALA A 34 -15.16 0.12 -4.70
CA ALA A 34 -14.89 1.18 -5.64
C ALA A 34 -13.41 1.36 -5.70
N ILE A 35 -12.78 1.29 -6.88
CA ILE A 35 -11.37 1.53 -7.07
C ILE A 35 -11.21 2.83 -7.77
N THR A 36 -10.46 3.77 -7.24
CA THR A 36 -10.10 4.97 -7.92
C THR A 36 -8.64 5.00 -8.33
N GLY A 37 -8.39 4.85 -9.61
CA GLY A 37 -7.05 4.69 -10.17
C GLY A 37 -7.02 3.56 -11.16
N ASP A 38 -5.82 3.21 -11.58
CA ASP A 38 -5.58 2.13 -12.53
C ASP A 38 -5.07 0.90 -11.81
N ILE A 39 -5.40 -0.28 -12.37
CA ILE A 39 -4.89 -1.52 -11.82
C ILE A 39 -4.19 -2.26 -12.90
N GLY A 40 -3.24 -3.09 -12.43
CA GLY A 40 -2.47 -3.93 -13.35
C GLY A 40 -2.02 -5.19 -12.73
N VAL A 41 -1.86 -6.20 -13.57
CA VAL A 41 -1.22 -7.49 -13.22
C VAL A 41 -0.18 -7.81 -14.22
N SER A 42 0.92 -8.40 -13.76
CA SER A 42 2.01 -8.89 -14.62
C SER A 42 3.00 -9.60 -13.74
N PRO A 43 3.54 -10.78 -14.15
CA PRO A 43 3.44 -11.35 -15.47
C PRO A 43 2.22 -12.25 -15.67
N ILE A 44 1.35 -12.43 -14.66
CA ILE A 44 0.14 -13.26 -14.85
C ILE A 44 -0.77 -12.66 -15.86
N ALA A 45 -1.59 -13.50 -16.52
CA ALA A 45 -2.47 -13.06 -17.56
C ALA A 45 -3.67 -12.31 -16.99
N ALA A 46 -4.44 -11.64 -17.86
CA ALA A 46 -5.60 -10.90 -17.49
C ALA A 46 -6.65 -11.68 -16.76
N SER A 47 -6.76 -12.98 -17.08
CA SER A 47 -7.76 -13.79 -16.44
C SER A 47 -7.60 -13.85 -14.93
N ALA A 48 -6.46 -13.46 -14.40
CA ALA A 48 -6.26 -13.40 -12.94
C ALA A 48 -6.77 -12.12 -12.28
N MET A 49 -7.42 -11.23 -13.03
CA MET A 49 -8.26 -10.10 -12.48
C MET A 49 -9.69 -10.56 -12.52
N THR A 50 -10.23 -10.98 -11.41
CA THR A 50 -11.58 -11.57 -11.33
C THR A 50 -12.45 -10.67 -10.50
N GLY A 51 -13.75 -10.68 -10.84
CA GLY A 51 -14.78 -10.02 -10.13
C GLY A 51 -15.01 -8.56 -10.47
N PHE A 52 -14.37 -8.11 -11.56
CA PHE A 52 -14.56 -6.67 -12.00
C PHE A 52 -15.42 -6.59 -13.28
N ASP A 53 -15.78 -7.74 -13.93
CA ASP A 53 -16.57 -7.68 -15.14
C ASP A 53 -15.97 -6.69 -16.15
N LEU A 54 -14.70 -6.99 -16.46
CA LEU A 54 -13.91 -6.18 -17.34
C LEU A 54 -14.34 -6.28 -18.78
N VAL A 55 -14.42 -5.13 -19.47
CA VAL A 55 -14.74 -5.03 -20.85
C VAL A 55 -13.54 -4.47 -21.56
N MET A 56 -13.05 -5.14 -22.56
CA MET A 56 -11.93 -4.66 -23.32
C MET A 56 -12.27 -3.36 -24.03
N ASP A 57 -11.30 -2.47 -24.03
CA ASP A 57 -11.36 -1.32 -24.87
C ASP A 57 -11.09 -1.71 -26.24
N SER A 58 -11.64 -0.90 -27.15
CA SER A 58 -11.42 -1.11 -28.57
CA SER A 58 -11.45 -1.19 -28.52
C SER A 58 -9.94 -1.16 -29.02
N SER A 59 -9.10 -0.43 -28.33
CA SER A 59 -7.60 -0.48 -28.61
C SER A 59 -7.00 -1.87 -28.28
N ASN A 60 -7.71 -2.61 -27.41
CA ASN A 60 -7.24 -3.81 -26.79
C ASN A 60 -6.01 -3.59 -25.91
N GLU A 61 -5.75 -2.40 -25.52
CA GLU A 61 -4.64 -2.03 -24.64
C GLU A 61 -4.99 -2.07 -23.17
N PHE A 62 -6.27 -2.06 -22.86
CA PHE A 62 -6.73 -2.00 -21.52
C PHE A 62 -8.18 -2.40 -21.47
N SER A 63 -8.71 -2.60 -20.27
CA SER A 63 -10.12 -2.93 -20.07
C SER A 63 -10.70 -1.97 -19.04
N THR A 64 -12.01 -1.93 -18.97
CA THR A 64 -12.71 -1.01 -18.07
C THR A 64 -13.80 -1.84 -17.29
N SER A 65 -14.28 -1.21 -16.22
CA SER A 65 -15.25 -1.81 -15.29
C SER A 65 -16.13 -0.75 -14.71
N THR A 66 -17.32 -1.23 -14.26
CA THR A 66 -18.18 -0.44 -13.42
C THR A 66 -17.59 0.00 -12.09
N GLU A 67 -16.62 -0.77 -11.61
CA GLU A 67 -16.01 -0.49 -10.30
C GLU A 67 -14.67 0.07 -10.30
N ILE A 68 -14.12 0.46 -11.42
CA ILE A 68 -12.78 1.05 -11.48
C ILE A 68 -12.93 2.40 -12.14
N THR A 69 -12.51 3.49 -11.55
CA THR A 69 -12.59 4.73 -12.27
C THR A 69 -11.62 4.88 -13.52
N GLY A 70 -10.59 4.18 -13.56
CA GLY A 70 -9.50 4.25 -14.44
C GLY A 70 -9.59 3.02 -15.35
N LYS A 71 -8.45 2.39 -15.54
CA LYS A 71 -8.27 1.34 -16.54
C LYS A 71 -7.57 0.17 -15.87
N ALA A 72 -7.77 -1.03 -16.43
CA ALA A 72 -7.10 -2.30 -16.02
C ALA A 72 -6.18 -2.75 -17.13
N TYR A 73 -4.99 -3.18 -16.74
CA TYR A 73 -3.93 -3.47 -17.62
C TYR A 73 -3.40 -4.90 -17.38
N ALA A 74 -3.07 -5.67 -18.43
CA ALA A 74 -2.58 -7.07 -18.27
C ALA A 74 -1.60 -7.31 -19.43
N PRO A 75 -0.70 -8.31 -19.29
CA PRO A 75 0.38 -8.51 -20.27
C PRO A 75 -0.13 -9.00 -21.62
N ASP A 76 -1.25 -9.65 -21.63
CA ASP A 76 -1.80 -10.18 -22.90
C ASP A 76 -2.54 -9.12 -23.64
N TYR A 77 -2.58 -7.89 -23.16
CA TYR A 77 -3.15 -6.82 -23.95
C TYR A 77 -2.15 -6.22 -24.92
N MET A 78 -2.58 -5.34 -25.80
CA MET A 78 -1.77 -4.83 -26.89
CA MET A 78 -1.74 -4.88 -26.88
C MET A 78 -0.67 -3.91 -26.42
N SER A 79 0.44 -3.89 -27.15
CA SER A 79 1.56 -3.04 -26.90
C SER A 79 1.12 -1.61 -26.90
N PRO A 80 1.59 -0.71 -26.06
CA PRO A 80 2.73 -0.92 -25.17
C PRO A 80 2.36 -1.37 -23.75
N THR A 81 1.22 -1.97 -23.54
CA THR A 81 0.79 -2.33 -22.21
C THR A 81 1.77 -3.27 -21.53
N GLY A 82 2.26 -4.28 -22.24
CA GLY A 82 3.17 -5.22 -21.57
C GLY A 82 4.41 -4.56 -21.11
N THR A 83 4.98 -3.65 -21.85
CA THR A 83 6.14 -2.89 -21.44
C THR A 83 5.79 -1.97 -20.29
N LYS A 84 4.65 -1.32 -20.32
CA LYS A 84 4.21 -0.48 -19.20
C LYS A 84 4.19 -1.29 -17.94
N LEU A 85 3.64 -2.51 -17.99
CA LEU A 85 3.55 -3.38 -16.81
C LEU A 85 4.85 -3.86 -16.32
N THR A 86 5.70 -4.32 -17.23
CA THR A 86 7.01 -4.85 -16.82
C THR A 86 7.90 -3.76 -16.18
N THR A 87 7.82 -2.57 -16.78
CA THR A 87 8.59 -1.41 -16.17
C THR A 87 8.03 -1.12 -14.76
N ALA A 88 6.70 -1.16 -14.60
CA ALA A 88 6.11 -0.87 -13.29
C ALA A 88 6.47 -1.94 -12.29
N VAL A 89 6.46 -3.22 -12.69
CA VAL A 89 6.82 -4.30 -11.78
C VAL A 89 8.28 -4.20 -11.38
N SER A 90 9.16 -3.86 -12.34
CA SER A 90 10.54 -3.66 -11.99
CA SER A 90 10.55 -3.65 -12.02
C SER A 90 10.73 -2.49 -11.01
N ASP A 91 9.98 -1.43 -11.25
CA ASP A 91 10.06 -0.28 -10.38
C ASP A 91 9.49 -0.60 -9.00
N MET A 92 8.48 -1.42 -8.90
CA MET A 92 8.00 -1.92 -7.65
C MET A 92 9.09 -2.68 -6.89
N LEU A 93 9.77 -3.61 -7.57
CA LEU A 93 10.84 -4.34 -6.92
C LEU A 93 11.94 -3.44 -6.40
N THR A 94 12.35 -2.46 -7.22
CA THR A 94 13.36 -1.51 -6.77
C THR A 94 12.90 -0.77 -5.55
N ALA A 95 11.63 -0.33 -5.58
CA ALA A 95 11.07 0.40 -4.39
C ALA A 95 10.99 -0.51 -3.18
N TYR A 96 10.59 -1.79 -3.37
CA TYR A 96 10.54 -2.70 -2.24
C TYR A 96 11.93 -2.82 -1.62
N ASN A 97 12.94 -3.00 -2.46
CA ASN A 97 14.27 -3.17 -1.96
C ASN A 97 14.81 -1.92 -1.28
N ASP A 98 14.50 -0.76 -1.82
N ASP A 98 14.48 -0.77 -1.86
CA ASP A 98 14.94 0.48 -1.18
CA ASP A 98 14.88 0.52 -1.34
C ASP A 98 14.29 0.65 0.19
C ASP A 98 14.29 0.77 0.07
N ALA A 99 13.00 0.47 0.25
CA ALA A 99 12.33 0.63 1.55
C ALA A 99 12.91 -0.32 2.57
N ALA A 100 13.12 -1.57 2.13
CA ALA A 100 13.57 -2.57 3.06
C ALA A 100 14.99 -2.28 3.48
N ALA A 101 15.77 -1.54 2.78
CA ALA A 101 17.13 -1.25 3.10
C ALA A 101 17.30 0.00 3.99
N ARG A 102 16.24 0.73 4.35
CA ARG A 102 16.44 1.95 5.10
C ARG A 102 16.85 1.65 6.54
N PRO A 103 17.87 2.32 7.06
CA PRO A 103 18.24 2.12 8.48
C PRO A 103 17.14 2.60 9.41
N VAL A 104 16.94 1.87 10.50
CA VAL A 104 16.04 2.34 11.58
C VAL A 104 16.52 3.67 12.11
N THR A 105 15.63 4.55 12.49
CA THR A 105 15.98 5.74 13.23
C THR A 105 16.58 5.32 14.52
N GLY A 106 17.72 5.95 14.87
CA GLY A 106 18.44 5.64 16.14
C GLY A 106 17.91 6.29 17.37
N GLY A 107 18.23 5.70 18.50
CA GLY A 107 17.96 6.38 19.75
C GLY A 107 16.59 6.10 20.29
N PRO A 108 16.22 6.76 21.38
CA PRO A 108 14.91 6.57 21.98
C PRO A 108 13.76 7.16 21.17
N PHE A 109 12.64 6.44 21.32
CA PHE A 109 11.39 6.92 20.79
C PHE A 109 10.66 7.72 21.89
N GLY A 110 10.27 8.96 21.54
CA GLY A 110 9.51 9.80 22.53
C GLY A 110 10.54 10.30 23.54
N ASN A 111 10.21 10.40 24.82
CA ASN A 111 11.23 10.97 25.72
C ASN A 111 12.49 10.07 25.86
N SER A 112 13.62 10.73 26.06
CA SER A 112 14.89 10.07 26.12
C SER A 112 14.95 9.02 27.21
N LEU A 113 14.01 9.02 28.16
CA LEU A 113 13.94 7.99 29.20
C LEU A 113 12.69 7.18 29.09
N SER A 114 12.16 7.04 27.86
CA SER A 114 10.96 6.18 27.58
C SER A 114 11.23 4.72 27.78
N GLY A 115 12.52 4.36 27.67
CA GLY A 115 12.96 2.98 27.66
C GLY A 115 12.48 2.23 26.39
N GLU A 116 12.11 2.95 25.34
CA GLU A 116 11.76 2.31 24.07
C GLU A 116 12.31 3.04 22.90
N THR A 117 12.53 2.28 21.80
CA THR A 117 13.27 2.78 20.65
C THR A 117 12.37 2.60 19.40
N TYR A 118 12.96 2.89 18.23
CA TYR A 118 12.26 2.68 16.94
C TYR A 118 12.34 1.23 16.47
N THR A 119 12.91 0.30 17.24
CA THR A 119 12.95 -1.11 16.93
C THR A 119 11.89 -1.81 17.76
N ASN A 120 11.01 -2.54 17.09
CA ASN A 120 9.93 -3.31 17.73
C ASN A 120 9.11 -2.41 18.62
N LEU A 121 8.82 -1.23 18.24
CA LEU A 121 8.06 -0.28 19.04
C LEU A 121 6.66 -0.86 19.35
N GLY A 122 6.31 -0.81 20.63
CA GLY A 122 5.00 -1.30 21.12
C GLY A 122 4.92 -2.74 21.12
N ALA A 123 6.02 -3.48 20.99
CA ALA A 123 6.01 -4.90 20.75
C ALA A 123 5.09 -5.29 19.64
N GLY A 124 5.09 -4.44 18.60
CA GLY A 124 4.31 -4.67 17.43
C GLY A 124 2.95 -4.00 17.43
N GLU A 125 2.42 -3.59 18.58
CA GLU A 125 1.11 -2.88 18.61
C GLU A 125 1.23 -1.47 18.45
N ILE A 126 0.69 -0.88 17.37
CA ILE A 126 0.71 0.47 17.13
C ILE A 126 -0.60 1.27 17.22
N GLY A 127 -1.68 0.51 17.48
CA GLY A 127 -2.94 1.17 17.83
C GLY A 127 -2.82 2.02 19.06
N GLY A 128 -3.25 3.23 19.01
CA GLY A 128 -3.12 4.14 20.09
C GLY A 128 -1.85 4.94 20.11
N LEU A 129 -0.94 4.72 19.15
CA LEU A 129 0.29 5.49 19.07
C LEU A 129 0.25 6.65 18.14
N THR A 130 1.09 7.65 18.33
CA THR A 130 1.34 8.75 17.41
C THR A 130 2.77 8.52 16.96
N LEU A 131 2.93 8.26 15.67
CA LEU A 131 4.19 8.14 15.01
C LEU A 131 4.58 9.29 14.26
N THR A 132 5.79 9.80 14.55
CA THR A 132 6.41 10.89 13.84
C THR A 132 7.41 10.42 12.78
N ARG A 133 7.94 11.35 12.01
CA ARG A 133 8.73 10.97 10.87
C ARG A 133 9.93 10.10 11.27
N GLY A 134 10.34 9.15 10.37
CA GLY A 134 11.43 8.30 10.71
C GLY A 134 11.24 6.92 10.13
N VAL A 135 12.07 6.00 10.50
CA VAL A 135 12.08 4.59 10.06
C VAL A 135 11.89 3.71 11.27
N TYR A 136 10.89 2.86 11.30
CA TYR A 136 10.55 1.96 12.37
C TYR A 136 10.81 0.55 11.88
N THR A 137 11.49 -0.29 12.60
CA THR A 137 11.85 -1.65 12.09
C THR A 137 11.29 -2.68 13.04
N TYR A 138 10.79 -3.75 12.49
CA TYR A 138 10.12 -4.85 13.21
C TYR A 138 10.58 -6.18 12.71
N ASP A 139 10.72 -7.14 13.63
CA ASP A 139 10.84 -8.55 13.22
C ASP A 139 9.71 -9.40 13.78
N ILE A 140 8.60 -8.75 13.95
CA ILE A 140 7.40 -9.32 14.51
C ILE A 140 6.22 -8.72 13.68
N ASN A 141 5.04 -9.35 13.78
CA ASN A 141 3.88 -8.71 13.14
C ASN A 141 3.64 -7.29 13.66
N VAL A 142 3.15 -6.38 12.86
CA VAL A 142 2.74 -5.06 13.24
C VAL A 142 1.23 -5.14 13.30
N SER A 143 0.66 -4.81 14.43
CA SER A 143 -0.78 -4.91 14.64
CA SER A 143 -0.80 -4.87 14.59
C SER A 143 -1.39 -3.60 14.92
N ILE A 144 -2.61 -3.38 14.44
CA ILE A 144 -3.44 -2.24 14.80
C ILE A 144 -4.69 -2.93 15.37
N THR A 145 -4.80 -3.14 16.67
CA THR A 145 -5.83 -4.00 17.26
C THR A 145 -7.02 -3.22 17.60
N SER A 146 -6.97 -2.06 18.11
CA SER A 146 -8.07 -1.25 18.42
C SER A 146 -7.81 0.19 18.25
N GLY A 147 -8.69 1.06 17.92
CA GLY A 147 -8.54 2.43 17.89
C GLY A 147 -7.86 2.96 16.63
N LYS A 148 -6.96 3.89 16.81
CA LYS A 148 -6.30 4.60 15.69
C LYS A 148 -4.84 4.58 15.87
N VAL A 149 -4.13 4.58 14.75
CA VAL A 149 -2.73 4.97 14.71
C VAL A 149 -2.64 6.24 14.00
N THR A 150 -1.89 7.19 14.54
CA THR A 150 -1.76 8.52 13.96
C THR A 150 -0.36 8.73 13.41
N PHE A 151 -0.27 9.19 12.21
CA PHE A 151 0.99 9.65 11.64
C PHE A 151 0.94 11.12 11.63
N HIS A 152 1.90 11.72 12.34
CA HIS A 152 1.92 13.16 12.54
C HIS A 152 3.20 13.78 11.94
N GLY A 153 3.06 14.71 11.07
CA GLY A 153 4.21 15.41 10.49
C GLY A 153 3.80 16.41 9.46
N GLY A 154 4.75 17.12 8.83
CA GLY A 154 4.43 18.02 7.82
C GLY A 154 4.22 17.45 6.43
N ALA A 155 3.97 18.26 5.46
CA ALA A 155 3.64 17.86 4.10
C ALA A 155 4.72 16.99 3.48
N ASP A 156 5.99 17.25 3.79
CA ASP A 156 7.06 16.45 3.17
C ASP A 156 7.70 15.48 4.10
N ASP A 157 7.17 15.24 5.29
CA ASP A 157 7.73 14.29 6.20
C ASP A 157 7.41 12.86 5.74
N VAL A 158 8.35 11.95 5.95
CA VAL A 158 8.26 10.55 5.51
C VAL A 158 8.25 9.63 6.70
N PHE A 159 7.45 8.56 6.59
CA PHE A 159 7.24 7.61 7.61
C PHE A 159 7.45 6.23 7.01
N ILE A 160 8.39 5.44 7.48
CA ILE A 160 8.63 4.06 6.88
C ILE A 160 8.46 3.09 7.98
N ILE A 161 7.57 2.10 7.83
CA ILE A 161 7.36 1.03 8.78
C ILE A 161 7.81 -0.23 8.08
N LYS A 162 8.84 -0.90 8.58
CA LYS A 162 9.36 -2.12 7.94
C LYS A 162 9.11 -3.27 8.83
N THR A 163 8.67 -4.40 8.31
CA THR A 163 8.56 -5.63 9.06
C THR A 163 8.97 -6.80 8.20
N SER A 164 9.67 -7.74 8.81
CA SER A 164 9.85 -9.03 8.21
C SER A 164 8.65 -9.93 8.29
N LYS A 165 7.63 -9.52 8.98
CA LYS A 165 6.44 -10.34 9.14
C LYS A 165 5.24 -9.64 8.44
N SER A 166 4.08 -9.62 9.03
CA SER A 166 2.86 -9.08 8.42
C SER A 166 2.42 -7.85 9.07
N VAL A 167 1.52 -7.12 8.44
CA VAL A 167 0.74 -5.98 9.03
C VAL A 167 -0.68 -6.45 9.15
N LEU A 168 -1.21 -6.49 10.35
CA LEU A 168 -2.52 -7.02 10.71
C LEU A 168 -3.32 -5.93 11.28
N GLN A 169 -4.26 -5.40 10.50
CA GLN A 169 -5.09 -4.31 10.92
C GLN A 169 -6.48 -4.82 11.25
N ALA A 170 -6.86 -4.77 12.52
CA ALA A 170 -8.17 -5.34 12.90
C ALA A 170 -9.27 -4.48 12.29
N ALA A 171 -10.43 -5.15 12.29
CA ALA A 171 -11.66 -4.49 11.83
C ALA A 171 -11.95 -3.22 12.52
N ASN A 172 -12.46 -2.22 11.84
CA ASN A 172 -12.95 -1.03 12.40
C ASN A 172 -11.98 -0.28 13.21
N THR A 173 -10.75 -0.28 12.73
CA THR A 173 -9.68 0.62 13.26
C THR A 173 -9.27 1.57 12.16
N GLU A 174 -8.45 2.57 12.47
CA GLU A 174 -8.18 3.66 11.51
C GLU A 174 -6.74 4.10 11.60
N VAL A 175 -6.16 4.33 10.42
CA VAL A 175 -4.93 5.15 10.24
C VAL A 175 -5.34 6.53 9.96
N VAL A 176 -4.85 7.48 10.81
CA VAL A 176 -5.14 8.87 10.79
C VAL A 176 -3.85 9.67 10.52
N LEU A 177 -3.99 10.70 9.74
CA LEU A 177 -2.85 11.61 9.43
C LEU A 177 -3.12 13.01 9.98
N THR A 178 -2.15 13.50 10.64
CA THR A 178 -2.24 14.88 11.22
C THR A 178 -1.01 15.74 10.92
N GLY A 179 -1.07 17.05 11.04
CA GLY A 179 0.05 17.93 10.92
C GLY A 179 0.38 18.36 9.52
N GLY A 180 -0.27 17.79 8.53
CA GLY A 180 0.06 17.96 7.13
C GLY A 180 0.58 16.68 6.45
N ALA A 181 0.70 15.67 7.21
CA ALA A 181 1.19 14.37 6.73
C ALA A 181 0.33 13.92 5.56
N GLN A 182 0.97 13.29 4.55
CA GLN A 182 0.30 12.84 3.35
C GLN A 182 0.48 11.31 3.19
N ALA A 183 -0.57 10.69 2.68
CA ALA A 183 -0.58 9.25 2.50
C ALA A 183 0.53 8.77 1.57
N LYS A 184 0.87 9.60 0.57
CA LYS A 184 1.95 9.24 -0.35
C LYS A 184 3.29 9.15 0.29
N ASN A 185 3.45 9.67 1.51
CA ASN A 185 4.73 9.72 2.22
C ASN A 185 4.84 8.74 3.36
N ILE A 186 3.87 7.79 3.45
CA ILE A 186 3.87 6.72 4.41
C ILE A 186 4.14 5.40 3.65
N PHE A 187 5.20 4.72 4.00
CA PHE A 187 5.60 3.45 3.30
C PHE A 187 5.59 2.33 4.25
N TRP A 188 4.86 1.25 3.89
CA TRP A 188 4.85 0.05 4.66
C TRP A 188 5.61 -1.02 3.89
N SER A 189 6.75 -1.45 4.42
CA SER A 189 7.65 -2.40 3.83
C SER A 189 7.45 -3.77 4.48
N VAL A 190 6.79 -4.67 3.79
CA VAL A 190 6.18 -5.84 4.45
C VAL A 190 6.61 -7.11 3.75
N ALA A 191 7.37 -7.97 4.44
CA ALA A 191 7.83 -9.18 3.81
C ALA A 191 6.83 -10.28 3.72
N GLN A 192 5.85 -10.30 4.55
CA GLN A 192 4.78 -11.28 4.46
C GLN A 192 3.50 -10.66 3.93
N GLU A 193 2.43 -10.51 4.69
CA GLU A 193 1.14 -10.08 4.16
C GLU A 193 0.70 -8.85 4.81
N VAL A 194 -0.26 -8.19 4.17
CA VAL A 194 -1.05 -7.14 4.80
C VAL A 194 -2.50 -7.56 4.82
N ASN A 195 -3.12 -7.57 5.96
CA ASN A 195 -4.53 -7.88 6.14
CA ASN A 195 -4.55 -7.87 6.12
C ASN A 195 -5.25 -6.71 6.77
N VAL A 196 -6.25 -6.15 6.11
CA VAL A 196 -7.01 -4.95 6.57
C VAL A 196 -8.41 -5.44 6.86
N GLY A 197 -8.79 -5.44 8.12
CA GLY A 197 -10.06 -6.05 8.57
C GLY A 197 -11.23 -5.23 8.11
N ALA A 198 -12.41 -5.82 8.35
CA ALA A 198 -13.66 -5.32 7.89
C ALA A 198 -13.93 -3.91 8.39
N GLY A 199 -14.28 -2.95 7.49
CA GLY A 199 -14.51 -1.68 7.84
C GLY A 199 -13.33 -0.77 8.32
N ALA A 200 -12.16 -1.33 8.31
CA ALA A 200 -11.01 -0.60 8.76
C ALA A 200 -10.50 0.32 7.65
N HIS A 201 -9.74 1.32 8.06
CA HIS A 201 -9.21 2.30 7.14
C HIS A 201 -7.70 2.33 7.24
N MET A 202 -7.05 2.04 6.12
CA MET A 202 -5.58 2.01 5.98
C MET A 202 -5.18 3.21 5.08
N GLU A 203 -3.97 3.75 5.35
CA GLU A 203 -3.37 4.69 4.46
C GLU A 203 -1.89 4.40 4.25
N GLY A 204 -1.45 4.74 3.05
CA GLY A 204 -0.04 4.67 2.72
C GLY A 204 0.23 3.77 1.59
N ILE A 205 1.55 3.62 1.30
CA ILE A 205 2.02 2.81 0.19
C ILE A 205 2.40 1.46 0.71
N LEU A 206 1.71 0.41 0.24
CA LEU A 206 1.92 -0.95 0.68
C LEU A 206 2.92 -1.63 -0.28
N LEU A 207 4.16 -1.77 0.16
CA LEU A 207 5.18 -2.53 -0.61
C LEU A 207 5.33 -3.91 0.00
N VAL A 208 4.63 -4.87 -0.60
CA VAL A 208 4.35 -6.13 0.06
C VAL A 208 4.94 -7.26 -0.76
N LYS A 209 5.69 -8.16 -0.15
CA LYS A 209 6.25 -9.31 -0.88
C LYS A 209 5.24 -10.33 -1.17
N THR A 210 4.27 -10.55 -0.29
CA THR A 210 3.19 -11.50 -0.61
C THR A 210 1.83 -10.84 -0.60
N ALA A 211 0.82 -11.51 -0.08
CA ALA A 211 -0.54 -11.15 -0.35
C ALA A 211 -1.03 -9.94 0.38
N VAL A 212 -2.03 -9.23 -0.17
CA VAL A 212 -2.69 -8.14 0.49
C VAL A 212 -4.17 -8.42 0.43
N LYS A 213 -4.87 -8.30 1.54
CA LYS A 213 -6.31 -8.56 1.62
CA LYS A 213 -6.31 -8.57 1.61
C LYS A 213 -7.02 -7.44 2.28
N PHE A 214 -8.08 -6.93 1.69
CA PHE A 214 -8.98 -5.93 2.18
C PHE A 214 -10.33 -6.58 2.44
N ILE A 215 -10.69 -6.70 3.67
CA ILE A 215 -11.89 -7.41 4.10
C ILE A 215 -13.06 -6.47 3.99
N THR A 216 -14.28 -7.09 3.88
CA THR A 216 -15.51 -6.43 3.69
C THR A 216 -15.63 -4.99 4.17
N GLY A 217 -15.81 -4.06 3.23
CA GLY A 217 -16.12 -2.75 3.59
C GLY A 217 -14.97 -1.86 4.09
N SER A 218 -13.73 -2.38 4.08
CA SER A 218 -12.57 -1.56 4.44
C SER A 218 -12.34 -0.53 3.38
N SER A 219 -11.55 0.43 3.75
CA SER A 219 -11.15 1.54 2.87
C SER A 219 -9.68 1.81 2.96
N PHE A 220 -9.17 2.51 1.94
CA PHE A 220 -7.76 2.67 1.74
C PHE A 220 -7.47 3.87 0.91
N VAL A 221 -6.48 4.68 1.36
CA VAL A 221 -5.89 5.74 0.53
C VAL A 221 -4.40 5.47 0.43
N GLY A 222 -3.96 5.21 -0.83
CA GLY A 222 -2.57 4.76 -1.03
C GLY A 222 -2.43 3.99 -2.30
N ARG A 223 -1.41 3.11 -2.31
CA ARG A 223 -1.19 2.21 -3.42
C ARG A 223 -0.87 0.87 -2.87
N VAL A 224 -1.39 -0.17 -3.55
CA VAL A 224 -1.19 -1.56 -3.18
C VAL A 224 -0.24 -2.15 -4.19
N LEU A 225 1.01 -2.43 -3.76
CA LEU A 225 2.06 -2.88 -4.65
C LEU A 225 2.52 -4.22 -4.14
N SER A 226 1.92 -5.28 -4.66
CA SER A 226 2.13 -6.65 -4.17
C SER A 226 2.88 -7.53 -5.17
N ALA A 227 3.87 -8.30 -4.68
CA ALA A 227 4.51 -9.33 -5.52
C ALA A 227 3.76 -10.62 -5.58
N THR A 228 2.62 -10.76 -4.92
CA THR A 228 1.75 -11.88 -5.18
C THR A 228 0.35 -11.31 -5.51
N ALA A 229 -0.69 -11.70 -4.81
CA ALA A 229 -2.04 -11.44 -5.16
C ALA A 229 -2.76 -10.51 -4.16
N VAL A 230 -3.73 -9.79 -4.67
CA VAL A 230 -4.51 -8.84 -3.94
C VAL A 230 -5.93 -9.28 -3.86
N THR A 231 -6.54 -9.38 -2.72
CA THR A 231 -7.96 -9.71 -2.53
C THR A 231 -8.74 -8.54 -2.05
N LEU A 232 -9.82 -8.18 -2.69
CA LEU A 232 -10.64 -7.02 -2.30
C LEU A 232 -12.07 -7.49 -2.03
N GLN A 233 -12.58 -7.18 -0.88
CA GLN A 233 -13.98 -7.55 -0.52
C GLN A 233 -14.78 -6.34 -0.36
N SER A 234 -15.49 -5.89 -1.41
CA SER A 234 -16.34 -4.67 -1.31
C SER A 234 -15.66 -3.52 -0.59
N ALA A 235 -14.44 -3.21 -1.07
CA ALA A 235 -13.57 -2.28 -0.44
C ALA A 235 -13.41 -0.98 -1.26
N ALA A 236 -13.17 0.12 -0.62
CA ALA A 236 -12.86 1.36 -1.26
C ALA A 236 -11.42 1.58 -1.34
N ILE A 237 -10.84 1.62 -2.50
CA ILE A 237 -9.37 1.64 -2.73
C ILE A 237 -9.12 2.87 -3.55
N THR A 238 -8.52 3.89 -2.97
CA THR A 238 -8.39 5.19 -3.58
C THR A 238 -6.96 5.63 -3.68
N ALA A 239 -6.51 6.02 -4.85
CA ALA A 239 -5.18 6.55 -4.99
C ALA A 239 -5.05 7.91 -4.26
N PRO A 240 -3.88 8.27 -3.82
CA PRO A 240 -3.70 9.60 -3.16
C PRO A 240 -4.00 10.72 -4.14
N ALA A 241 -4.60 11.78 -3.60
CA ALA A 241 -4.90 13.02 -4.40
C ALA A 241 -5.89 12.96 -5.58
N THR A 242 -6.72 11.90 -5.62
CA THR A 242 -7.74 11.81 -6.68
C THR A 242 -9.05 12.65 -6.36
N SER A 243 -9.09 13.38 -5.23
CA SER A 243 -10.15 14.38 -5.00
C SER A 243 -9.84 15.72 -5.76
N ALA A 244 -8.59 15.84 -6.27
CA ALA A 244 -8.24 17.00 -7.10
C ALA A 244 -8.71 16.63 -8.54
N PRO A 245 -8.85 17.67 -9.42
CA PRO A 245 -9.23 17.37 -10.81
C PRO A 245 -8.29 16.32 -11.47
N THR A 246 -8.95 15.36 -12.18
CA THR A 246 -8.27 14.24 -12.95
C THR A 246 -8.78 14.02 -14.43
#